data_6MN2
#
_entry.id   6MN2
#
_cell.length_a   127.755
_cell.length_b   127.755
_cell.length_c   95.114
_cell.angle_alpha   90.00
_cell.angle_beta   90.00
_cell.angle_gamma   120.00
#
_symmetry.space_group_name_H-M   'P 31 2 1'
#
loop_
_entity.id
_entity.type
_entity.pdbx_description
1 polymer 'Aminoglycoside N(3)-acetyltransferase'
2 non-polymer 'COENZYME A'
3 non-polymer '(1S,2S,3R,4S,6R)-4,6-diamino-3-{[(2S,3R)-3-amino-6-(aminomethyl)-3,4-dihydro-2H-pyran-2-yl]oxy}-2-hydroxycyclohexyl 3-deoxy-4-C-methyl-3-(methylamino)-beta-L-arabinopyranoside'
4 non-polymer 'CHLORIDE ION'
5 non-polymer DI(HYDROXYETHYL)ETHER
6 non-polymer 'SULFATE ION'
7 water water
#
_entity_poly.entity_id   1
_entity_poly.type   'polypeptide(L)'
_entity_poly.pdbx_seq_one_letter_code
;VSSRVSTRSSLAEDLRAIGLADGDAVLVHAALRKVGKIVGGPDDILDAMRDVIGPAGTVLGYADWQLEDEIRDDPAMREH
IPAFDPLRSRSIRDNGFWPELIRTTPGALRSASPGASMAAIGGEAEWFTADHALDYGYGPRSPLGKLVEAKGKVLMLGAP
LDTMTLLAHAEHLADFPNKRILRYEAPILVDGEKVWRWFEEFDTSDPPDGLADDYFAGIVEEFLATGRGKRGKIGEASSV
LVPADEIVAFAVDWLERWGRTAR
;
_entity_poly.pdbx_strand_id   A,B
#
# COMPACT_ATOMS: atom_id res chain seq x y z
N SER A 3 -6.38 25.42 10.61
CA SER A 3 -6.36 23.97 10.36
C SER A 3 -6.09 23.21 11.66
N ARG A 4 -6.97 22.28 12.00
CA ARG A 4 -6.81 21.45 13.19
C ARG A 4 -6.06 20.18 12.83
N VAL A 5 -5.00 19.92 13.57
CA VAL A 5 -4.19 18.72 13.40
C VAL A 5 -4.69 17.65 14.35
N SER A 6 -4.66 16.40 13.91
CA SER A 6 -5.02 15.26 14.75
C SER A 6 -3.77 14.50 15.16
N THR A 7 -3.82 13.88 16.33
CA THR A 7 -2.74 13.07 16.85
C THR A 7 -3.29 11.73 17.30
N ARG A 8 -2.39 10.76 17.48
CA ARG A 8 -2.80 9.46 17.98
C ARG A 8 -3.52 9.59 19.32
N SER A 9 -3.05 10.51 20.17
CA SER A 9 -3.77 10.80 21.41
C SER A 9 -5.11 11.44 21.11
N SER A 10 -5.11 12.43 20.20
CA SER A 10 -6.34 13.15 19.89
C SER A 10 -7.37 12.23 19.26
N LEU A 11 -6.97 11.43 18.27
CA LEU A 11 -7.91 10.54 17.63
C LEU A 11 -8.40 9.46 18.58
N ALA A 12 -7.56 9.05 19.54
CA ALA A 12 -8.02 8.10 20.55
C ALA A 12 -9.20 8.66 21.32
N GLU A 13 -9.16 9.95 21.68
CA GLU A 13 -10.24 10.53 22.47
C GLU A 13 -11.52 10.67 21.66
N ASP A 14 -11.40 11.07 20.39
CA ASP A 14 -12.55 11.14 19.51
C ASP A 14 -13.24 9.80 19.38
N LEU A 15 -12.46 8.73 19.44
CA LEU A 15 -13.01 7.40 19.27
C LEU A 15 -13.73 6.94 20.53
N ARG A 16 -13.13 7.15 21.70
CA ARG A 16 -13.85 6.88 22.93
C ARG A 16 -15.12 7.71 23.00
N ALA A 17 -15.06 8.94 22.48
CA ALA A 17 -16.24 9.80 22.47
C ALA A 17 -17.36 9.19 21.63
N ILE A 18 -17.02 8.48 20.56
CA ILE A 18 -18.08 7.95 19.70
C ILE A 18 -18.68 6.67 20.26
N GLY A 19 -17.96 5.93 21.11
CA GLY A 19 -18.58 4.82 21.82
C GLY A 19 -17.82 3.51 21.72
N LEU A 20 -16.51 3.64 21.57
CA LEU A 20 -15.61 2.53 21.28
C LEU A 20 -14.82 2.19 22.54
N ALA A 21 -14.69 0.88 22.84
CA ALA A 21 -14.22 0.47 24.16
C ALA A 21 -13.35 -0.79 24.07
N ASP A 22 -12.95 -1.27 25.24
CA ASP A 22 -12.07 -2.43 25.34
C ASP A 22 -12.73 -3.67 24.75
N GLY A 23 -11.96 -4.40 23.95
CA GLY A 23 -12.39 -5.67 23.40
C GLY A 23 -13.32 -5.58 22.20
N ASP A 24 -13.60 -4.38 21.71
CA ASP A 24 -14.54 -4.23 20.62
C ASP A 24 -13.96 -4.75 19.32
N ALA A 25 -14.78 -5.44 18.54
CA ALA A 25 -14.51 -5.70 17.14
C ALA A 25 -15.28 -4.68 16.31
N VAL A 26 -14.59 -4.04 15.37
CA VAL A 26 -15.18 -2.94 14.61
C VAL A 26 -14.76 -3.06 13.16
N LEU A 27 -15.73 -2.98 12.26
CA LEU A 27 -15.48 -2.92 10.82
C LEU A 27 -15.56 -1.46 10.40
N VAL A 28 -14.49 -0.97 9.77
CA VAL A 28 -14.34 0.45 9.51
C VAL A 28 -14.40 0.69 8.00
N HIS A 29 -15.33 1.54 7.59
CA HIS A 29 -15.35 2.09 6.24
C HIS A 29 -14.99 3.56 6.33
N ALA A 30 -14.09 4.02 5.47
CA ALA A 30 -13.43 5.27 5.74
C ALA A 30 -13.25 6.10 4.48
N ALA A 31 -13.43 7.42 4.62
CA ALA A 31 -13.04 8.42 3.64
C ALA A 31 -11.96 9.26 4.32
N LEU A 32 -10.71 8.76 4.24
CA LEU A 32 -9.67 9.21 5.15
C LEU A 32 -9.34 10.69 5.00
N ARG A 33 -9.46 11.25 3.80
CA ARG A 33 -9.04 12.64 3.70
C ARG A 33 -10.07 13.59 4.30
N LYS A 34 -11.25 13.10 4.65
CA LYS A 34 -12.18 13.90 5.45
C LYS A 34 -11.71 14.05 6.89
N VAL A 35 -10.81 13.18 7.36
CA VAL A 35 -10.31 13.27 8.71
C VAL A 35 -9.44 14.51 8.91
N GLY A 36 -8.90 15.05 7.83
CA GLY A 36 -8.04 16.21 7.93
C GLY A 36 -6.58 15.82 8.13
N LYS A 37 -5.81 16.79 8.61
CA LYS A 37 -4.38 16.62 8.81
C LYS A 37 -4.10 15.74 10.01
N ILE A 38 -3.27 14.71 9.83
CA ILE A 38 -2.83 13.83 10.91
C ILE A 38 -1.31 13.87 10.99
N VAL A 39 -0.78 13.92 12.21
CA VAL A 39 0.66 14.09 12.40
C VAL A 39 1.43 12.96 11.72
N GLY A 40 1.10 11.72 12.10
CA GLY A 40 1.84 10.58 11.61
C GLY A 40 1.11 9.80 10.54
N GLY A 41 0.24 10.48 9.79
CA GLY A 41 -0.48 9.86 8.71
C GLY A 41 -1.64 9.02 9.20
N PRO A 42 -2.39 8.43 8.25
CA PRO A 42 -3.57 7.63 8.64
C PRO A 42 -3.23 6.41 9.50
N ASP A 43 -1.97 6.01 9.57
CA ASP A 43 -1.60 4.95 10.51
C ASP A 43 -1.88 5.34 11.95
N ASP A 44 -1.94 6.64 12.25
CA ASP A 44 -2.32 7.08 13.58
C ASP A 44 -3.77 6.70 13.88
N ILE A 45 -4.62 6.63 12.86
CA ILE A 45 -6.00 6.19 13.06
C ILE A 45 -6.02 4.76 13.58
N LEU A 46 -5.34 3.86 12.86
CA LEU A 46 -5.33 2.45 13.26
C LEU A 46 -4.63 2.28 14.59
N ASP A 47 -3.55 3.03 14.82
CA ASP A 47 -2.84 2.95 16.08
C ASP A 47 -3.73 3.43 17.23
N ALA A 48 -4.44 4.54 17.02
CA ALA A 48 -5.34 5.04 18.05
C ALA A 48 -6.45 4.03 18.34
N MET A 49 -7.02 3.44 17.29
CA MET A 49 -8.07 2.44 17.47
C MET A 49 -7.58 1.30 18.35
N ARG A 50 -6.41 0.75 18.03
CA ARG A 50 -5.90 -0.41 18.76
C ARG A 50 -5.62 -0.08 20.22
N ASP A 51 -5.22 1.16 20.51
CA ASP A 51 -5.06 1.55 21.90
C ASP A 51 -6.39 1.60 22.63
N VAL A 52 -7.45 2.04 21.94
CA VAL A 52 -8.77 2.15 22.57
C VAL A 52 -9.33 0.76 22.83
N ILE A 53 -9.30 -0.11 21.82
CA ILE A 53 -9.92 -1.43 21.92
C ILE A 53 -9.03 -2.48 22.57
N GLY A 54 -7.74 -2.21 22.70
CA GLY A 54 -6.84 -3.14 23.36
C GLY A 54 -6.37 -4.25 22.46
N PRO A 55 -5.40 -5.04 22.93
CA PRO A 55 -4.88 -6.14 22.10
C PRO A 55 -5.87 -7.27 21.89
N ALA A 56 -6.96 -7.30 22.66
CA ALA A 56 -8.01 -8.27 22.42
C ALA A 56 -9.03 -7.81 21.41
N GLY A 57 -9.08 -6.52 21.11
CA GLY A 57 -9.97 -6.01 20.09
C GLY A 57 -9.47 -6.31 18.68
N THR A 58 -10.33 -6.05 17.70
CA THR A 58 -10.02 -6.33 16.31
C THR A 58 -10.60 -5.24 15.43
N VAL A 59 -9.79 -4.72 14.51
CA VAL A 59 -10.23 -3.76 13.51
C VAL A 59 -10.25 -4.45 12.17
N LEU A 60 -11.30 -4.20 11.38
CA LEU A 60 -11.47 -4.83 10.09
C LEU A 60 -11.62 -3.79 8.98
N GLY A 61 -11.31 -4.24 7.76
CA GLY A 61 -11.52 -3.43 6.58
C GLY A 61 -11.97 -4.28 5.41
N TYR A 62 -12.85 -3.75 4.57
CA TYR A 62 -13.37 -4.48 3.42
C TYR A 62 -12.35 -4.39 2.29
N ALA A 63 -11.68 -5.50 2.00
CA ALA A 63 -10.57 -5.50 1.05
C ALA A 63 -11.02 -5.79 -0.38
N ASP A 64 -11.68 -6.93 -0.59
CA ASP A 64 -12.10 -7.32 -1.93
C ASP A 64 -10.83 -7.50 -2.77
N TRP A 65 -10.90 -7.38 -4.08
CA TRP A 65 -9.69 -7.41 -4.90
C TRP A 65 -9.99 -6.80 -6.27
N GLN A 66 -8.95 -6.70 -7.08
CA GLN A 66 -8.86 -5.70 -8.14
C GLN A 66 -9.22 -6.19 -9.53
N LEU A 67 -9.61 -7.43 -9.70
CA LEU A 67 -9.85 -7.93 -11.05
C LEU A 67 -11.17 -7.37 -11.56
N GLU A 68 -11.10 -6.57 -12.62
CA GLU A 68 -12.31 -6.02 -13.23
C GLU A 68 -13.11 -7.14 -13.90
N ASP A 69 -14.41 -6.89 -14.06
CA ASP A 69 -15.30 -7.94 -14.50
C ASP A 69 -15.06 -8.30 -15.96
N GLU A 70 -14.78 -7.31 -16.80
CA GLU A 70 -14.60 -7.57 -18.23
C GLU A 70 -13.24 -8.24 -18.53
N ILE A 71 -12.21 -7.91 -17.77
CA ILE A 71 -10.97 -8.71 -17.91
C ILE A 71 -11.26 -10.17 -17.59
N ARG A 72 -11.91 -10.39 -16.45
CA ARG A 72 -12.35 -11.73 -16.06
C ARG A 72 -13.17 -12.40 -17.17
N ASP A 73 -14.14 -11.67 -17.73
CA ASP A 73 -15.08 -12.26 -18.69
C ASP A 73 -14.57 -12.24 -20.12
N ASP A 74 -13.32 -11.82 -20.35
CA ASP A 74 -12.73 -11.73 -21.67
C ASP A 74 -11.71 -12.86 -21.83
N PRO A 75 -11.90 -13.76 -22.81
CA PRO A 75 -11.10 -14.98 -22.85
C PRO A 75 -9.69 -14.85 -23.41
N ALA A 76 -9.31 -13.69 -23.95
CA ALA A 76 -7.89 -13.51 -24.28
C ALA A 76 -7.08 -13.23 -23.03
N MET A 77 -7.66 -12.46 -22.10
CA MET A 77 -7.00 -12.10 -20.86
C MET A 77 -6.83 -13.28 -19.91
N ARG A 78 -7.64 -14.33 -20.09
CA ARG A 78 -7.80 -15.35 -19.07
C ARG A 78 -6.46 -15.94 -18.62
N GLU A 79 -5.52 -16.09 -19.55
CA GLU A 79 -4.27 -16.76 -19.23
C GLU A 79 -3.38 -15.92 -18.31
N HIS A 80 -3.47 -14.60 -18.40
CA HIS A 80 -2.51 -13.71 -17.76
C HIS A 80 -3.06 -13.06 -16.50
N ILE A 81 -4.22 -13.50 -16.01
CA ILE A 81 -4.80 -12.99 -14.79
C ILE A 81 -4.23 -13.80 -13.63
N PRO A 82 -3.54 -13.17 -12.67
CA PRO A 82 -3.07 -13.93 -11.51
C PRO A 82 -4.23 -14.36 -10.63
N ALA A 83 -4.10 -15.55 -10.04
CA ALA A 83 -5.12 -16.04 -9.15
C ALA A 83 -5.18 -15.18 -7.89
N PHE A 84 -6.32 -15.24 -7.21
CA PHE A 84 -6.48 -14.49 -5.97
C PHE A 84 -5.61 -15.08 -4.89
N ASP A 85 -4.77 -14.23 -4.30
CA ASP A 85 -3.82 -14.62 -3.26
C ASP A 85 -4.14 -13.82 -2.02
N PRO A 86 -4.71 -14.42 -0.97
CA PRO A 86 -5.04 -13.63 0.23
C PRO A 86 -3.81 -13.00 0.89
N LEU A 87 -2.61 -13.37 0.46
CA LEU A 87 -1.39 -12.82 1.03
C LEU A 87 -0.74 -11.75 0.17
N ARG A 88 -1.10 -11.65 -1.11
CA ARG A 88 -0.48 -10.68 -2.01
C ARG A 88 -1.46 -9.88 -2.86
N SER A 89 -2.68 -10.38 -3.09
CA SER A 89 -3.66 -9.64 -3.88
C SER A 89 -4.04 -8.36 -3.16
N ARG A 90 -3.85 -7.23 -3.83
CA ARG A 90 -4.10 -5.94 -3.19
C ARG A 90 -5.59 -5.61 -3.21
N SER A 91 -6.00 -4.81 -2.23
CA SER A 91 -7.42 -4.48 -2.07
C SER A 91 -7.93 -3.70 -3.28
N ILE A 92 -9.24 -3.77 -3.49
CA ILE A 92 -9.85 -2.96 -4.53
C ILE A 92 -9.70 -1.49 -4.15
N ARG A 93 -9.28 -0.69 -5.12
CA ARG A 93 -8.98 0.71 -4.82
C ARG A 93 -10.23 1.56 -4.69
N ASP A 94 -11.40 1.04 -5.07
CA ASP A 94 -12.64 1.75 -4.85
C ASP A 94 -13.00 1.84 -3.38
N ASN A 95 -12.43 0.97 -2.55
CA ASN A 95 -12.70 0.97 -1.12
C ASN A 95 -11.79 1.90 -0.34
N GLY A 96 -10.91 2.64 -1.02
CA GLY A 96 -10.03 3.58 -0.35
C GLY A 96 -8.77 2.92 0.17
N PHE A 97 -7.91 3.76 0.75
CA PHE A 97 -6.64 3.28 1.28
C PHE A 97 -6.81 2.47 2.56
N TRP A 98 -7.95 2.63 3.24
CA TRP A 98 -8.09 2.04 4.57
C TRP A 98 -7.91 0.52 4.59
N PRO A 99 -8.57 -0.26 3.74
CA PRO A 99 -8.33 -1.72 3.78
C PRO A 99 -6.89 -2.07 3.46
N GLU A 100 -6.26 -1.34 2.53
CA GLU A 100 -4.87 -1.61 2.19
C GLU A 100 -3.96 -1.22 3.35
N LEU A 101 -4.31 -0.14 4.05
CA LEU A 101 -3.57 0.25 5.25
C LEU A 101 -3.54 -0.89 6.26
N ILE A 102 -4.70 -1.49 6.52
CA ILE A 102 -4.76 -2.63 7.44
C ILE A 102 -3.98 -3.81 6.88
N ARG A 103 -4.30 -4.20 5.65
CA ARG A 103 -3.74 -5.41 5.08
C ARG A 103 -2.21 -5.38 5.06
N THR A 104 -1.64 -4.21 4.82
CA THR A 104 -0.19 -4.08 4.73
C THR A 104 0.48 -3.78 6.06
N THR A 105 -0.27 -3.70 7.15
CA THR A 105 0.31 -3.61 8.48
C THR A 105 0.73 -5.00 8.96
N PRO A 106 1.93 -5.15 9.51
CA PRO A 106 2.37 -6.48 9.94
C PRO A 106 1.47 -7.05 11.04
N GLY A 107 1.21 -8.34 10.93
CA GLY A 107 0.28 -9.03 11.81
C GLY A 107 -1.13 -9.12 11.29
N ALA A 108 -1.49 -8.33 10.29
CA ALA A 108 -2.83 -8.37 9.73
C ALA A 108 -3.06 -9.67 8.96
N LEU A 109 -4.33 -9.99 8.76
CA LEU A 109 -4.72 -11.20 8.05
C LEU A 109 -5.84 -10.87 7.08
N ARG A 110 -6.05 -11.77 6.12
CA ARG A 110 -7.03 -11.57 5.06
C ARG A 110 -7.73 -12.89 4.77
N SER A 111 -9.01 -12.80 4.45
CA SER A 111 -9.83 -14.00 4.27
C SER A 111 -9.74 -14.50 2.83
N ALA A 112 -10.42 -15.63 2.56
CA ALA A 112 -10.24 -16.36 1.32
C ALA A 112 -11.22 -16.00 0.23
N SER A 113 -12.47 -15.67 0.57
CA SER A 113 -13.48 -15.36 -0.44
C SER A 113 -13.12 -14.07 -1.18
N PRO A 114 -12.68 -14.14 -2.44
CA PRO A 114 -12.00 -12.97 -3.04
C PRO A 114 -12.84 -11.70 -3.07
N GLY A 115 -14.05 -11.76 -3.60
CA GLY A 115 -14.87 -10.57 -3.68
C GLY A 115 -15.31 -10.02 -2.33
N ALA A 116 -15.52 -10.90 -1.36
CA ALA A 116 -15.95 -10.52 -0.02
C ALA A 116 -14.81 -10.48 0.98
N SER A 117 -13.56 -10.59 0.51
CA SER A 117 -12.44 -10.76 1.41
C SER A 117 -12.28 -9.57 2.34
N MET A 118 -11.97 -9.87 3.61
CA MET A 118 -11.86 -8.86 4.65
C MET A 118 -10.46 -8.88 5.22
N ALA A 119 -9.92 -7.70 5.48
CA ALA A 119 -8.66 -7.55 6.19
C ALA A 119 -8.94 -7.30 7.67
N ALA A 120 -8.14 -7.89 8.53
CA ALA A 120 -8.37 -7.77 9.96
C ALA A 120 -7.04 -7.76 10.69
N ILE A 121 -7.01 -7.07 11.82
CA ILE A 121 -5.83 -7.01 12.67
C ILE A 121 -6.30 -6.88 14.11
N GLY A 122 -5.67 -7.64 15.01
CA GLY A 122 -6.01 -7.58 16.40
C GLY A 122 -6.12 -8.96 17.00
N GLY A 123 -6.75 -9.03 18.18
CA GLY A 123 -6.77 -10.27 18.94
C GLY A 123 -7.53 -11.40 18.28
N GLU A 124 -8.59 -11.09 17.55
CA GLU A 124 -9.42 -12.11 16.91
C GLU A 124 -9.34 -12.05 15.39
N ALA A 125 -8.27 -11.46 14.85
CA ALA A 125 -8.12 -11.42 13.40
C ALA A 125 -8.11 -12.82 12.78
N GLU A 126 -7.53 -13.79 13.46
CA GLU A 126 -7.53 -15.14 12.92
C GLU A 126 -8.95 -15.72 12.88
N TRP A 127 -9.73 -15.49 13.93
CA TRP A 127 -11.09 -16.00 13.96
C TRP A 127 -11.95 -15.34 12.89
N PHE A 128 -11.75 -14.04 12.68
CA PHE A 128 -12.61 -13.32 11.74
C PHE A 128 -12.32 -13.69 10.29
N THR A 129 -11.07 -13.97 9.96
CA THR A 129 -10.70 -14.27 8.58
C THR A 129 -10.76 -15.75 8.24
N ALA A 130 -10.86 -16.62 9.23
CA ALA A 130 -10.83 -18.04 8.97
C ALA A 130 -12.17 -18.53 8.44
N ASP A 131 -12.12 -19.57 7.60
CA ASP A 131 -13.29 -20.31 7.14
C ASP A 131 -14.27 -19.42 6.38
N HIS A 132 -13.77 -18.44 5.64
CA HIS A 132 -14.64 -17.56 4.87
C HIS A 132 -15.26 -18.35 3.71
N ALA A 133 -16.57 -18.58 3.78
CA ALA A 133 -17.26 -19.30 2.73
C ALA A 133 -17.02 -18.67 1.38
N LEU A 134 -16.63 -19.50 0.41
CA LEU A 134 -16.32 -18.99 -0.92
C LEU A 134 -17.59 -18.67 -1.70
N ASP A 135 -18.50 -19.63 -1.79
CA ASP A 135 -19.83 -19.36 -2.31
C ASP A 135 -20.65 -18.69 -1.20
N TYR A 136 -21.36 -17.62 -1.56
CA TYR A 136 -22.16 -16.84 -0.61
C TYR A 136 -21.28 -16.32 0.52
N GLY A 137 -20.30 -15.51 0.13
CA GLY A 137 -19.34 -14.94 1.05
C GLY A 137 -19.84 -13.81 1.92
N TYR A 138 -21.14 -13.52 1.89
CA TYR A 138 -21.74 -12.52 2.74
C TYR A 138 -22.80 -13.11 3.67
N GLY A 139 -22.80 -14.45 3.82
CA GLY A 139 -23.73 -15.12 4.69
C GLY A 139 -23.16 -15.37 6.07
N PRO A 140 -23.66 -16.41 6.74
CA PRO A 140 -23.22 -16.65 8.12
C PRO A 140 -21.77 -17.06 8.27
N ARG A 141 -21.16 -17.66 7.26
CA ARG A 141 -19.77 -18.12 7.36
C ARG A 141 -18.82 -17.12 6.70
N SER A 142 -18.85 -15.90 7.23
CA SER A 142 -18.06 -14.79 6.70
C SER A 142 -17.66 -13.91 7.87
N PRO A 143 -16.67 -13.03 7.68
CA PRO A 143 -16.34 -12.08 8.75
C PRO A 143 -17.54 -11.23 9.17
N LEU A 144 -18.44 -10.91 8.24
CA LEU A 144 -19.64 -10.16 8.59
C LEU A 144 -20.53 -10.94 9.55
N GLY A 145 -20.72 -12.24 9.27
CA GLY A 145 -21.54 -13.05 10.15
C GLY A 145 -20.91 -13.20 11.53
N LYS A 146 -19.59 -13.34 11.58
CA LYS A 146 -18.92 -13.44 12.86
C LYS A 146 -18.92 -12.10 13.60
N LEU A 147 -19.01 -10.99 12.87
CA LEU A 147 -19.16 -9.69 13.51
C LEU A 147 -20.44 -9.63 14.32
N VAL A 148 -21.53 -10.18 13.78
CA VAL A 148 -22.79 -10.18 14.49
C VAL A 148 -22.73 -11.14 15.68
N GLU A 149 -22.10 -12.31 15.50
CA GLU A 149 -21.99 -13.27 16.60
C GLU A 149 -21.16 -12.69 17.74
N ALA A 150 -20.16 -11.88 17.43
CA ALA A 150 -19.33 -11.24 18.45
C ALA A 150 -19.90 -9.90 18.92
N LYS A 151 -21.06 -9.50 18.41
CA LYS A 151 -21.67 -8.22 18.74
C LYS A 151 -20.69 -7.08 18.51
N GLY A 152 -20.03 -7.13 17.36
CA GLY A 152 -19.07 -6.10 17.00
C GLY A 152 -19.74 -4.79 16.60
N LYS A 153 -19.00 -3.91 15.93
CA LYS A 153 -19.51 -2.60 15.58
C LYS A 153 -19.07 -2.25 14.17
N VAL A 154 -19.76 -1.27 13.59
CA VAL A 154 -19.40 -0.70 12.29
C VAL A 154 -19.17 0.78 12.47
N LEU A 155 -18.03 1.26 11.99
CA LEU A 155 -17.68 2.68 12.03
C LEU A 155 -17.61 3.20 10.60
N MET A 156 -18.38 4.24 10.32
CA MET A 156 -18.29 4.94 9.04
C MET A 156 -17.41 6.17 9.28
N LEU A 157 -16.14 6.04 8.93
CA LEU A 157 -15.13 7.06 9.21
C LEU A 157 -15.15 8.08 8.07
N GLY A 158 -16.11 9.00 8.15
CA GLY A 158 -16.34 9.97 7.10
C GLY A 158 -16.87 9.39 5.80
N ALA A 159 -17.09 8.08 5.74
CA ALA A 159 -17.49 7.40 4.53
C ALA A 159 -18.97 7.59 4.24
N PRO A 160 -19.37 7.55 2.97
CA PRO A 160 -20.80 7.52 2.64
C PRO A 160 -21.51 6.37 3.32
N LEU A 161 -22.75 6.62 3.75
CA LEU A 161 -23.45 5.63 4.56
C LEU A 161 -23.88 4.41 3.77
N ASP A 162 -23.99 4.50 2.45
CA ASP A 162 -24.40 3.34 1.66
C ASP A 162 -23.27 2.34 1.42
N THR A 163 -22.07 2.63 1.89
CA THR A 163 -20.96 1.71 1.75
C THR A 163 -20.89 0.72 2.91
N MET A 164 -21.87 0.73 3.80
CA MET A 164 -21.91 -0.20 4.91
C MET A 164 -22.06 -1.63 4.40
N THR A 165 -20.93 -2.30 4.18
CA THR A 165 -20.95 -3.64 3.60
C THR A 165 -21.74 -4.62 4.47
N LEU A 166 -21.82 -4.36 5.77
CA LEU A 166 -22.53 -5.27 6.67
C LEU A 166 -23.98 -5.48 6.25
N LEU A 167 -24.60 -4.49 5.61
CA LEU A 167 -25.99 -4.62 5.20
C LEU A 167 -26.16 -5.64 4.07
N ALA A 168 -25.09 -5.95 3.33
CA ALA A 168 -25.18 -7.04 2.36
C ALA A 168 -25.41 -8.37 3.07
N HIS A 169 -24.86 -8.54 4.27
CA HIS A 169 -25.17 -9.70 5.10
C HIS A 169 -26.67 -9.75 5.42
N ALA A 170 -27.29 -8.59 5.59
CA ALA A 170 -28.74 -8.57 5.83
C ALA A 170 -29.50 -8.99 4.59
N GLU A 171 -29.03 -8.58 3.40
CA GLU A 171 -29.64 -9.05 2.16
C GLU A 171 -29.61 -10.57 2.07
N HIS A 172 -28.49 -11.18 2.47
CA HIS A 172 -28.37 -12.63 2.47
C HIS A 172 -29.40 -13.26 3.41
N LEU A 173 -29.49 -12.76 4.64
CA LEU A 173 -30.36 -13.38 5.63
C LEU A 173 -31.84 -13.10 5.35
N ALA A 174 -32.15 -11.94 4.79
CA ALA A 174 -33.54 -11.49 4.70
C ALA A 174 -34.31 -12.30 3.68
N ASP A 175 -35.49 -12.79 4.08
CA ASP A 175 -36.39 -13.52 3.19
C ASP A 175 -37.25 -12.51 2.44
N PHE A 176 -36.99 -12.34 1.15
CA PHE A 176 -37.87 -11.58 0.28
C PHE A 176 -37.79 -12.18 -1.12
N PRO A 177 -38.84 -12.01 -1.92
CA PRO A 177 -38.90 -12.74 -3.19
C PRO A 177 -37.92 -12.19 -4.22
N ASN A 178 -37.52 -13.08 -5.14
CA ASN A 178 -36.79 -12.72 -6.36
C ASN A 178 -35.41 -12.14 -6.06
N LYS A 179 -34.66 -12.84 -5.19
CA LYS A 179 -33.31 -12.42 -4.86
C LYS A 179 -32.38 -12.76 -6.01
N ARG A 180 -31.79 -11.75 -6.62
CA ARG A 180 -30.88 -11.98 -7.74
C ARG A 180 -29.72 -12.86 -7.31
N ILE A 181 -29.55 -13.99 -8.00
CA ILE A 181 -28.43 -14.88 -7.79
C ILE A 181 -27.38 -14.59 -8.84
N LEU A 182 -26.12 -14.47 -8.41
CA LEU A 182 -25.02 -14.08 -9.25
C LEU A 182 -24.06 -15.26 -9.39
N ARG A 183 -23.66 -15.58 -10.62
CA ARG A 183 -22.69 -16.64 -10.84
C ARG A 183 -21.62 -16.17 -11.81
N TYR A 184 -20.37 -16.24 -11.36
CA TYR A 184 -19.21 -15.79 -12.10
C TYR A 184 -18.11 -16.83 -11.91
N GLU A 185 -17.06 -16.72 -12.70
CA GLU A 185 -15.93 -17.62 -12.61
C GLU A 185 -14.65 -16.82 -12.42
N ALA A 186 -13.86 -17.17 -11.41
CA ALA A 186 -12.69 -16.38 -11.04
C ALA A 186 -11.52 -17.30 -10.71
N PRO A 187 -10.29 -16.86 -10.96
CA PRO A 187 -9.12 -17.67 -10.62
C PRO A 187 -8.73 -17.50 -9.15
N ILE A 188 -8.57 -18.62 -8.45
CA ILE A 188 -8.02 -18.64 -7.10
C ILE A 188 -6.91 -19.68 -7.09
N LEU A 189 -6.22 -19.76 -5.95
CA LEU A 189 -5.18 -20.76 -5.74
C LEU A 189 -5.75 -21.91 -4.93
N VAL A 190 -5.47 -23.14 -5.37
CA VAL A 190 -5.80 -24.33 -4.61
C VAL A 190 -4.46 -24.98 -4.24
N ASP A 191 -4.05 -24.77 -2.99
CA ASP A 191 -2.78 -25.25 -2.43
C ASP A 191 -1.57 -24.81 -3.26
N GLY A 192 -1.64 -23.62 -3.84
CA GLY A 192 -0.49 -23.02 -4.49
C GLY A 192 -0.61 -22.87 -5.98
N GLU A 193 -1.66 -23.39 -6.62
CA GLU A 193 -1.76 -23.36 -8.07
C GLU A 193 -3.07 -22.74 -8.51
N LYS A 194 -2.96 -21.77 -9.40
CA LYS A 194 -4.10 -21.13 -10.04
C LYS A 194 -5.06 -22.17 -10.61
N VAL A 195 -6.31 -22.13 -10.14
CA VAL A 195 -7.40 -22.89 -10.74
C VAL A 195 -8.58 -21.95 -10.93
N TRP A 196 -9.22 -22.02 -12.09
CA TRP A 196 -10.42 -21.25 -12.29
C TRP A 196 -11.59 -21.98 -11.66
N ARG A 197 -12.53 -21.20 -11.12
CA ARG A 197 -13.58 -21.77 -10.27
C ARG A 197 -14.85 -20.97 -10.44
N TRP A 198 -15.98 -21.67 -10.32
CA TRP A 198 -17.29 -21.07 -10.48
C TRP A 198 -17.84 -20.69 -9.11
N PHE A 199 -18.26 -19.43 -8.98
CA PHE A 199 -18.81 -18.91 -7.75
C PHE A 199 -20.32 -18.75 -7.87
N GLU A 200 -20.97 -18.64 -6.72
CA GLU A 200 -22.38 -18.28 -6.68
C GLU A 200 -22.63 -17.47 -5.42
N GLU A 201 -23.39 -16.39 -5.55
CA GLU A 201 -23.69 -15.52 -4.41
C GLU A 201 -24.90 -14.67 -4.75
N PHE A 202 -25.51 -14.11 -3.71
CA PHE A 202 -26.50 -13.08 -3.91
C PHE A 202 -25.82 -11.80 -4.39
N ASP A 203 -26.53 -11.07 -5.24
CA ASP A 203 -25.99 -9.85 -5.85
C ASP A 203 -25.63 -8.82 -4.80
N THR A 204 -24.42 -8.26 -4.89
CA THR A 204 -24.01 -7.11 -4.10
C THR A 204 -23.64 -5.93 -4.97
N SER A 205 -23.60 -6.09 -6.29
CA SER A 205 -23.26 -4.99 -7.15
C SER A 205 -24.47 -4.12 -7.45
N ASP A 206 -25.66 -4.67 -7.41
CA ASP A 206 -26.85 -3.85 -7.62
C ASP A 206 -27.98 -4.33 -6.76
N PRO A 207 -28.91 -3.44 -6.40
CA PRO A 207 -29.89 -3.73 -5.35
C PRO A 207 -30.92 -4.74 -5.83
N PRO A 208 -31.80 -5.21 -4.94
CA PRO A 208 -33.04 -5.83 -5.40
C PRO A 208 -33.79 -4.82 -6.25
N ASP A 209 -34.61 -5.33 -7.17
CA ASP A 209 -34.98 -4.54 -8.35
C ASP A 209 -35.59 -3.19 -7.99
N GLY A 210 -36.46 -3.14 -6.98
CA GLY A 210 -37.21 -1.92 -6.74
C GLY A 210 -36.35 -0.76 -6.26
N LEU A 211 -35.41 -1.04 -5.36
CA LEU A 211 -34.69 -0.01 -4.62
C LEU A 211 -33.63 0.66 -5.49
N ALA A 212 -33.11 1.79 -4.99
CA ALA A 212 -32.04 2.51 -5.65
C ALA A 212 -30.67 1.99 -5.21
N ASP A 213 -29.64 2.44 -5.93
CA ASP A 213 -28.27 1.98 -5.71
C ASP A 213 -27.72 2.33 -4.34
N ASP A 214 -28.35 3.27 -3.63
CA ASP A 214 -27.82 3.78 -2.37
C ASP A 214 -28.81 3.60 -1.22
N TYR A 215 -29.75 2.67 -1.34
CA TYR A 215 -30.79 2.53 -0.33
C TYR A 215 -30.23 2.11 1.02
N PHE A 216 -29.01 1.56 1.04
CA PHE A 216 -28.35 1.30 2.32
C PHE A 216 -28.31 2.54 3.19
N ALA A 217 -28.06 3.70 2.58
CA ALA A 217 -27.95 4.94 3.34
C ALA A 217 -29.27 5.27 4.03
N GLY A 218 -30.39 5.03 3.35
CA GLY A 218 -31.68 5.30 3.96
C GLY A 218 -31.93 4.45 5.19
N ILE A 219 -31.54 3.18 5.12
CA ILE A 219 -31.71 2.30 6.27
C ILE A 219 -30.85 2.77 7.44
N VAL A 220 -29.60 3.14 7.17
CA VAL A 220 -28.71 3.57 8.24
C VAL A 220 -29.24 4.84 8.91
N GLU A 221 -29.68 5.80 8.10
CA GLU A 221 -30.26 7.01 8.68
C GLU A 221 -31.54 6.70 9.44
N GLU A 222 -32.30 5.70 8.98
CA GLU A 222 -33.52 5.32 9.69
C GLU A 222 -33.21 4.55 10.97
N PHE A 223 -32.07 3.86 11.02
CA PHE A 223 -31.66 3.22 12.25
C PHE A 223 -31.14 4.25 13.25
N LEU A 224 -30.42 5.27 12.77
CA LEU A 224 -29.98 6.35 13.63
C LEU A 224 -31.16 7.17 14.14
N ALA A 225 -32.28 7.16 13.41
CA ALA A 225 -33.44 7.92 13.84
C ALA A 225 -34.07 7.34 15.10
N THR A 226 -33.93 6.03 15.33
CA THR A 226 -34.49 5.46 16.54
C THR A 226 -33.62 5.72 17.78
N GLY A 227 -32.55 6.49 17.65
CA GLY A 227 -31.69 6.74 18.79
C GLY A 227 -30.73 5.61 19.11
N ARG A 228 -30.72 4.56 18.31
CA ARG A 228 -29.62 3.62 18.35
C ARG A 228 -28.46 4.19 17.54
N GLY A 229 -27.26 3.71 17.84
CA GLY A 229 -26.07 4.27 17.23
C GLY A 229 -25.68 5.59 17.85
N LYS A 230 -24.64 6.21 17.29
CA LYS A 230 -24.11 7.46 17.82
C LYS A 230 -23.25 8.13 16.78
N ARG A 231 -23.44 9.43 16.59
CA ARG A 231 -22.65 10.24 15.67
C ARG A 231 -21.56 10.98 16.43
N GLY A 232 -20.58 11.47 15.68
CA GLY A 232 -19.47 12.18 16.29
C GLY A 232 -18.39 12.47 15.26
N LYS A 233 -17.43 13.28 15.71
CA LYS A 233 -16.32 13.71 14.86
C LYS A 233 -15.08 12.91 15.20
N ILE A 234 -14.55 12.18 14.21
CA ILE A 234 -13.23 11.58 14.31
C ILE A 234 -12.30 12.46 13.49
N GLY A 235 -11.40 13.17 14.17
CA GLY A 235 -10.64 14.18 13.48
C GLY A 235 -11.60 15.29 13.07
N GLU A 236 -11.71 15.51 11.76
CA GLU A 236 -12.70 16.43 11.21
C GLU A 236 -13.71 15.72 10.32
N ALA A 237 -13.74 14.39 10.34
CA ALA A 237 -14.67 13.62 9.53
C ALA A 237 -15.90 13.27 10.35
N SER A 238 -17.08 13.59 9.81
CA SER A 238 -18.33 13.18 10.43
C SER A 238 -18.43 11.66 10.40
N SER A 239 -18.74 11.06 11.54
CA SER A 239 -18.67 9.61 11.65
C SER A 239 -19.88 9.06 12.39
N VAL A 240 -20.10 7.76 12.21
CA VAL A 240 -21.22 7.04 12.78
C VAL A 240 -20.70 5.72 13.35
N LEU A 241 -21.19 5.33 14.51
CA LEU A 241 -20.83 4.04 15.09
C LEU A 241 -22.10 3.28 15.44
N VAL A 242 -22.27 2.10 14.85
CA VAL A 242 -23.49 1.32 15.02
C VAL A 242 -23.16 -0.06 15.60
N PRO A 243 -24.07 -0.66 16.37
CA PRO A 243 -23.89 -2.06 16.75
C PRO A 243 -24.21 -2.98 15.59
N ALA A 244 -23.33 -3.95 15.35
CA ALA A 244 -23.49 -4.83 14.19
C ALA A 244 -24.79 -5.61 14.28
N ASP A 245 -25.03 -6.27 15.41
CA ASP A 245 -26.21 -7.13 15.53
C ASP A 245 -27.50 -6.34 15.38
N GLU A 246 -27.54 -5.13 15.95
CA GLU A 246 -28.79 -4.37 15.92
C GLU A 246 -29.10 -3.85 14.54
N ILE A 247 -28.11 -3.29 13.83
CA ILE A 247 -28.36 -2.78 12.49
C ILE A 247 -28.74 -3.91 11.55
N VAL A 248 -28.21 -5.11 11.77
CA VAL A 248 -28.54 -6.22 10.88
C VAL A 248 -29.94 -6.72 11.14
N ALA A 249 -30.35 -6.79 12.41
CA ALA A 249 -31.72 -7.15 12.72
C ALA A 249 -32.68 -6.09 12.22
N PHE A 250 -32.30 -4.80 12.34
CA PHE A 250 -33.14 -3.73 11.83
C PHE A 250 -33.31 -3.84 10.32
N ALA A 251 -32.19 -4.07 9.61
CA ALA A 251 -32.23 -4.03 8.15
C ALA A 251 -32.97 -5.22 7.56
N VAL A 252 -32.91 -6.39 8.21
CA VAL A 252 -33.59 -7.54 7.62
C VAL A 252 -35.10 -7.39 7.72
N ASP A 253 -35.60 -6.92 8.87
CA ASP A 253 -37.03 -6.64 8.96
C ASP A 253 -37.44 -5.61 7.92
N TRP A 254 -36.72 -4.49 7.87
CA TRP A 254 -36.96 -3.48 6.84
C TRP A 254 -37.03 -4.12 5.45
N LEU A 255 -36.13 -5.04 5.16
CA LEU A 255 -36.15 -5.73 3.87
C LEU A 255 -37.33 -6.68 3.77
N GLU A 256 -37.52 -7.54 4.78
CA GLU A 256 -38.63 -8.48 4.76
C GLU A 256 -39.97 -7.76 4.78
N ARG A 257 -40.02 -6.57 5.40
CA ARG A 257 -41.25 -5.79 5.38
C ARG A 257 -41.55 -5.28 3.98
N TRP A 258 -40.51 -4.99 3.19
CA TRP A 258 -40.70 -4.39 1.88
C TRP A 258 -41.09 -5.42 0.81
N GLY A 259 -40.62 -6.66 0.95
CA GLY A 259 -41.03 -7.71 0.04
C GLY A 259 -42.43 -8.21 0.27
N ARG A 260 -42.95 -8.06 1.48
CA ARG A 260 -44.33 -8.40 1.75
C ARG A 260 -45.31 -7.47 1.03
N THR A 261 -44.82 -6.40 0.41
CA THR A 261 -45.68 -5.33 -0.08
C THR A 261 -45.93 -5.46 -1.59
N ALA A 262 -46.67 -4.47 -2.10
CA ALA A 262 -46.96 -4.21 -3.51
C ALA A 262 -48.11 -5.08 -4.04
N SER B 3 -5.35 -0.23 -27.78
CA SER B 3 -4.77 -0.62 -26.52
C SER B 3 -3.88 -1.85 -26.66
N ARG B 4 -2.63 -1.73 -26.24
CA ARG B 4 -1.76 -2.89 -26.07
C ARG B 4 -1.65 -3.15 -24.58
N VAL B 5 -2.27 -4.23 -24.13
CA VAL B 5 -2.20 -4.64 -22.74
C VAL B 5 -0.93 -5.45 -22.52
N SER B 6 -0.26 -5.20 -21.40
CA SER B 6 0.95 -5.92 -21.04
C SER B 6 0.60 -7.05 -20.08
N THR B 7 1.39 -8.11 -20.15
CA THR B 7 1.20 -9.29 -19.31
C THR B 7 2.51 -9.65 -18.63
N ARG B 8 2.43 -10.50 -17.62
CA ARG B 8 3.63 -10.98 -16.95
C ARG B 8 4.60 -11.60 -17.95
N SER B 9 4.08 -12.27 -18.98
CA SER B 9 4.93 -12.79 -20.03
C SER B 9 5.41 -11.67 -20.95
N SER B 10 4.53 -10.74 -21.30
CA SER B 10 4.92 -9.63 -22.15
C SER B 10 5.97 -8.76 -21.47
N LEU B 11 5.72 -8.41 -20.20
CA LEU B 11 6.68 -7.60 -19.46
C LEU B 11 8.03 -8.31 -19.31
N ALA B 12 8.01 -9.65 -19.21
CA ALA B 12 9.25 -10.40 -19.08
C ALA B 12 10.12 -10.24 -20.32
N GLU B 13 9.50 -10.27 -21.49
CA GLU B 13 10.23 -10.03 -22.74
C GLU B 13 10.90 -8.67 -22.73
N ASP B 14 10.08 -7.62 -22.61
CA ASP B 14 10.57 -6.25 -22.71
C ASP B 14 11.77 -6.02 -21.79
N LEU B 15 11.75 -6.63 -20.61
CA LEU B 15 12.89 -6.50 -19.70
C LEU B 15 14.07 -7.32 -20.18
N ARG B 16 13.82 -8.49 -20.77
CA ARG B 16 14.92 -9.25 -21.35
C ARG B 16 15.53 -8.48 -22.52
N ALA B 17 14.70 -7.74 -23.26
CA ALA B 17 15.22 -6.93 -24.35
C ALA B 17 16.07 -5.77 -23.84
N ILE B 18 15.71 -5.19 -22.69
CA ILE B 18 16.46 -4.04 -22.19
C ILE B 18 17.81 -4.45 -21.60
N GLY B 19 17.95 -5.69 -21.15
CA GLY B 19 19.25 -6.16 -20.69
C GLY B 19 19.29 -6.80 -19.32
N LEU B 20 18.14 -7.24 -18.81
CA LEU B 20 18.11 -7.93 -17.53
C LEU B 20 18.48 -9.40 -17.71
N ALA B 21 19.21 -9.95 -16.73
CA ALA B 21 19.74 -11.29 -16.85
C ALA B 21 19.75 -11.97 -15.49
N ASP B 22 20.04 -13.27 -15.52
CA ASP B 22 20.06 -14.10 -14.33
C ASP B 22 21.06 -13.57 -13.30
N GLY B 23 20.59 -13.43 -12.06
CA GLY B 23 21.43 -13.00 -10.96
C GLY B 23 21.57 -11.50 -10.78
N ASP B 24 20.83 -10.69 -11.54
CA ASP B 24 21.05 -9.26 -11.51
C ASP B 24 20.38 -8.64 -10.29
N ALA B 25 21.06 -7.64 -9.74
CA ALA B 25 20.48 -6.72 -8.76
C ALA B 25 20.15 -5.44 -9.50
N VAL B 26 18.93 -4.92 -9.30
CA VAL B 26 18.48 -3.76 -10.06
C VAL B 26 17.71 -2.82 -9.13
N LEU B 27 18.15 -1.57 -9.06
CA LEU B 27 17.40 -0.50 -8.39
C LEU B 27 16.47 0.13 -9.41
N VAL B 28 15.17 0.10 -9.15
CA VAL B 28 14.16 0.51 -10.11
C VAL B 28 13.49 1.80 -9.64
N HIS B 29 13.48 2.80 -10.51
CA HIS B 29 12.69 4.02 -10.33
C HIS B 29 11.63 4.06 -11.42
N ALA B 30 10.38 4.25 -11.04
CA ALA B 30 9.27 3.98 -11.95
C ALA B 30 8.27 5.13 -11.98
N ALA B 31 7.67 5.30 -13.16
CA ALA B 31 6.44 6.08 -13.36
C ALA B 31 5.41 5.09 -13.90
N LEU B 32 4.78 4.34 -12.99
CA LEU B 32 3.98 3.18 -13.36
C LEU B 32 2.86 3.53 -14.33
N ARG B 33 2.46 4.80 -14.41
CA ARG B 33 1.35 5.18 -15.26
C ARG B 33 1.71 5.16 -16.73
N LYS B 34 2.99 5.35 -17.05
CA LYS B 34 3.43 5.43 -18.44
C LYS B 34 3.62 4.06 -19.06
N VAL B 35 3.56 2.98 -18.27
CA VAL B 35 3.62 1.64 -18.85
C VAL B 35 2.30 1.28 -19.51
N GLY B 36 1.21 1.90 -19.09
CA GLY B 36 -0.08 1.62 -19.68
C GLY B 36 -0.83 0.55 -18.93
N LYS B 37 -1.78 -0.05 -19.63
CA LYS B 37 -2.67 -1.03 -19.00
C LYS B 37 -1.94 -2.36 -18.85
N ILE B 38 -1.99 -2.91 -17.64
CA ILE B 38 -1.44 -4.22 -17.32
C ILE B 38 -2.56 -5.08 -16.76
N VAL B 39 -2.54 -6.37 -17.12
CA VAL B 39 -3.66 -7.26 -16.77
C VAL B 39 -3.77 -7.40 -15.26
N GLY B 40 -2.72 -7.91 -14.62
CA GLY B 40 -2.77 -8.16 -13.19
C GLY B 40 -2.21 -7.01 -12.37
N GLY B 41 -2.26 -5.80 -12.92
CA GLY B 41 -1.79 -4.63 -12.23
C GLY B 41 -0.27 -4.52 -12.26
N PRO B 42 0.26 -3.52 -11.55
CA PRO B 42 1.72 -3.30 -11.57
C PRO B 42 2.51 -4.44 -10.94
N ASP B 43 1.86 -5.29 -10.14
CA ASP B 43 2.58 -6.43 -9.58
C ASP B 43 3.08 -7.40 -10.64
N ASP B 44 2.49 -7.38 -11.83
CA ASP B 44 3.03 -8.16 -12.93
C ASP B 44 4.43 -7.67 -13.31
N ILE B 45 4.71 -6.38 -13.13
CA ILE B 45 6.05 -5.86 -13.41
C ILE B 45 7.08 -6.50 -12.48
N LEU B 46 6.84 -6.42 -11.17
CA LEU B 46 7.73 -7.08 -10.23
C LEU B 46 7.77 -8.58 -10.48
N ASP B 47 6.61 -9.19 -10.68
CA ASP B 47 6.56 -10.62 -10.94
C ASP B 47 7.36 -11.00 -12.19
N ALA B 48 7.24 -10.19 -13.25
CA ALA B 48 8.02 -10.46 -14.46
C ALA B 48 9.50 -10.23 -14.23
N MET B 49 9.85 -9.25 -13.39
CA MET B 49 11.26 -8.98 -13.11
C MET B 49 11.94 -10.17 -12.47
N ARG B 50 11.35 -10.70 -11.39
CA ARG B 50 11.97 -11.79 -10.66
C ARG B 50 11.97 -13.09 -11.47
N ASP B 51 11.04 -13.24 -12.41
CA ASP B 51 11.16 -14.33 -13.38
C ASP B 51 12.44 -14.20 -14.19
N VAL B 52 12.77 -12.98 -14.62
CA VAL B 52 13.91 -12.77 -15.50
C VAL B 52 15.22 -12.89 -14.70
N ILE B 53 15.30 -12.24 -13.54
CA ILE B 53 16.53 -12.32 -12.76
C ILE B 53 16.64 -13.64 -12.01
N GLY B 54 15.53 -14.34 -11.78
CA GLY B 54 15.56 -15.56 -11.01
C GLY B 54 15.50 -15.27 -9.52
N PRO B 55 15.40 -16.34 -8.72
CA PRO B 55 15.30 -16.15 -7.26
C PRO B 55 16.58 -15.60 -6.63
N ALA B 56 17.72 -15.73 -7.30
CA ALA B 56 18.97 -15.18 -6.78
C ALA B 56 19.11 -13.69 -7.04
N GLY B 57 18.36 -13.14 -8.01
CA GLY B 57 18.39 -11.71 -8.25
C GLY B 57 17.62 -10.92 -7.20
N THR B 58 17.79 -9.60 -7.24
CA THR B 58 17.19 -8.72 -6.27
C THR B 58 16.65 -7.47 -6.94
N VAL B 59 15.42 -7.09 -6.60
CA VAL B 59 14.80 -5.87 -7.09
C VAL B 59 14.69 -4.90 -5.90
N LEU B 60 15.09 -3.65 -6.13
CA LEU B 60 15.15 -2.64 -5.10
C LEU B 60 14.24 -1.47 -5.45
N GLY B 61 13.92 -0.68 -4.43
CA GLY B 61 13.18 0.56 -4.62
C GLY B 61 13.53 1.55 -3.55
N TYR B 62 13.51 2.83 -3.93
CA TYR B 62 13.85 3.90 -3.00
C TYR B 62 12.63 4.24 -2.15
N ALA B 63 12.68 3.88 -0.87
CA ALA B 63 11.51 3.99 0.00
C ALA B 63 11.42 5.36 0.66
N ASP B 64 12.47 5.77 1.36
CA ASP B 64 12.47 6.99 2.16
C ASP B 64 11.35 6.84 3.20
N TRP B 65 10.81 7.95 3.70
CA TRP B 65 9.64 7.90 4.57
C TRP B 65 9.03 9.28 4.64
N GLN B 66 7.88 9.37 5.31
CA GLN B 66 6.90 10.42 5.02
C GLN B 66 6.95 11.62 5.96
N LEU B 67 7.94 11.73 6.84
CA LEU B 67 7.93 12.82 7.79
C LEU B 67 8.40 14.11 7.11
N GLU B 68 7.54 15.14 7.23
CA GLU B 68 7.83 16.44 6.64
C GLU B 68 8.75 17.24 7.55
N ASP B 69 9.79 17.86 6.98
CA ASP B 69 10.79 18.59 7.77
C ASP B 69 10.15 19.58 8.73
N GLU B 70 9.15 20.32 8.25
CA GLU B 70 8.51 21.36 9.05
C GLU B 70 7.77 20.81 10.26
N ILE B 71 7.39 19.54 10.21
CA ILE B 71 6.78 18.88 11.34
C ILE B 71 7.84 18.41 12.32
N ARG B 72 8.92 17.87 11.78
CA ARG B 72 10.04 17.39 12.57
C ARG B 72 10.57 18.48 13.50
N ASP B 73 10.72 19.70 13.00
CA ASP B 73 11.33 20.77 13.76
C ASP B 73 10.32 21.62 14.52
N ASP B 74 9.05 21.24 14.52
CA ASP B 74 8.04 21.89 15.33
C ASP B 74 8.03 21.25 16.70
N PRO B 75 8.44 21.96 17.77
CA PRO B 75 8.53 21.32 19.09
C PRO B 75 7.18 20.98 19.71
N ALA B 76 6.07 21.44 19.13
CA ALA B 76 4.76 21.04 19.62
C ALA B 76 4.30 19.74 18.98
N MET B 77 4.70 19.50 17.74
CA MET B 77 4.43 18.23 17.07
C MET B 77 5.34 17.12 17.55
N ARG B 78 6.42 17.48 18.21
CA ARG B 78 7.51 16.58 18.60
C ARG B 78 7.04 15.25 19.20
N GLU B 79 6.02 15.28 20.05
CA GLU B 79 5.66 14.10 20.81
C GLU B 79 4.61 13.23 20.15
N HIS B 80 3.99 13.69 19.05
CA HIS B 80 3.01 12.90 18.32
C HIS B 80 3.55 12.31 17.03
N ILE B 81 4.82 12.51 16.74
CA ILE B 81 5.44 12.00 15.52
C ILE B 81 5.92 10.57 15.80
N PRO B 82 5.41 9.56 15.11
CA PRO B 82 5.93 8.20 15.35
C PRO B 82 7.34 8.06 14.82
N ALA B 83 8.17 7.31 15.55
CA ALA B 83 9.53 7.06 15.14
C ALA B 83 9.57 6.23 13.87
N PHE B 84 10.73 6.21 13.22
CA PHE B 84 10.90 5.43 12.01
C PHE B 84 10.98 3.95 12.34
N ASP B 85 10.02 3.17 11.84
CA ASP B 85 10.02 1.71 11.97
C ASP B 85 10.24 1.12 10.59
N PRO B 86 11.37 0.44 10.33
CA PRO B 86 11.62 -0.07 8.98
C PRO B 86 10.61 -1.09 8.49
N LEU B 87 9.77 -1.65 9.37
CA LEU B 87 8.77 -2.63 8.98
C LEU B 87 7.37 -2.05 8.89
N ARG B 88 7.18 -0.79 9.31
CA ARG B 88 5.84 -0.24 9.42
C ARG B 88 5.74 1.12 8.73
N SER B 89 6.85 1.85 8.68
CA SER B 89 6.83 3.20 8.11
C SER B 89 6.65 3.13 6.60
N ARG B 90 5.61 3.79 6.10
CA ARG B 90 5.30 3.71 4.67
C ARG B 90 6.29 4.56 3.87
N SER B 91 6.49 4.16 2.61
CA SER B 91 7.41 4.89 1.74
C SER B 91 6.90 6.29 1.48
N ILE B 92 7.83 7.19 1.11
CA ILE B 92 7.44 8.54 0.75
C ILE B 92 6.64 8.47 -0.55
N ARG B 93 5.57 9.25 -0.61
CA ARG B 93 4.68 9.17 -1.75
C ARG B 93 5.19 9.95 -2.96
N ASP B 94 6.21 10.79 -2.77
CA ASP B 94 6.84 11.47 -3.90
C ASP B 94 7.56 10.48 -4.81
N ASN B 95 7.88 9.29 -4.32
CA ASN B 95 8.59 8.30 -5.11
C ASN B 95 7.67 7.34 -5.86
N GLY B 96 6.36 7.56 -5.80
CA GLY B 96 5.41 6.74 -6.52
C GLY B 96 5.13 5.44 -5.82
N PHE B 97 4.22 4.66 -6.42
CA PHE B 97 3.75 3.43 -5.80
C PHE B 97 4.81 2.35 -5.78
N TRP B 98 5.83 2.44 -6.63
CA TRP B 98 6.76 1.32 -6.82
C TRP B 98 7.47 0.90 -5.55
N PRO B 99 8.12 1.80 -4.78
CA PRO B 99 8.79 1.32 -3.56
C PRO B 99 7.84 0.67 -2.57
N GLU B 100 6.62 1.20 -2.40
CA GLU B 100 5.70 0.54 -1.48
C GLU B 100 5.05 -0.68 -2.10
N LEU B 101 4.97 -0.76 -3.44
CA LEU B 101 4.67 -2.02 -4.09
C LEU B 101 5.61 -3.12 -3.60
N ILE B 102 6.91 -2.81 -3.56
CA ILE B 102 7.91 -3.79 -3.15
C ILE B 102 7.85 -4.00 -1.64
N ARG B 103 7.81 -2.90 -0.88
CA ARG B 103 7.87 -3.00 0.57
C ARG B 103 6.72 -3.84 1.12
N THR B 104 5.55 -3.78 0.48
CA THR B 104 4.39 -4.51 0.97
C THR B 104 4.23 -5.88 0.32
N THR B 105 5.18 -6.30 -0.50
CA THR B 105 5.18 -7.67 -1.01
C THR B 105 5.75 -8.59 0.06
N PRO B 106 5.12 -9.73 0.34
CA PRO B 106 5.63 -10.63 1.37
C PRO B 106 7.05 -11.08 1.05
N GLY B 107 7.90 -11.10 2.08
CA GLY B 107 9.29 -11.46 1.93
C GLY B 107 10.23 -10.30 1.69
N ALA B 108 9.70 -9.10 1.44
CA ALA B 108 10.55 -7.95 1.19
C ALA B 108 11.16 -7.44 2.49
N LEU B 109 12.21 -6.62 2.34
CA LEU B 109 12.93 -6.07 3.48
C LEU B 109 13.21 -4.59 3.22
N ARG B 110 13.62 -3.90 4.29
CA ARG B 110 13.80 -2.46 4.26
C ARG B 110 14.92 -2.09 5.24
N SER B 111 15.74 -1.11 4.85
CA SER B 111 16.93 -0.78 5.63
C SER B 111 16.60 0.21 6.75
N ALA B 112 17.62 0.58 7.53
CA ALA B 112 17.41 1.32 8.76
C ALA B 112 17.54 2.83 8.60
N SER B 113 18.41 3.31 7.70
CA SER B 113 18.59 4.73 7.47
C SER B 113 17.32 5.37 6.94
N PRO B 114 16.62 6.20 7.74
CA PRO B 114 15.27 6.64 7.37
C PRO B 114 15.21 7.38 6.04
N GLY B 115 15.94 8.49 5.93
CA GLY B 115 15.88 9.28 4.71
C GLY B 115 16.39 8.53 3.48
N ALA B 116 17.33 7.60 3.68
CA ALA B 116 17.91 6.86 2.58
C ALA B 116 17.35 5.45 2.46
N SER B 117 16.25 5.16 3.15
CA SER B 117 15.74 3.80 3.23
C SER B 117 15.47 3.21 1.86
N MET B 118 15.74 1.92 1.73
CA MET B 118 15.55 1.17 0.49
C MET B 118 14.73 -0.07 0.77
N ALA B 119 13.81 -0.38 -0.14
CA ALA B 119 13.04 -1.62 -0.08
C ALA B 119 13.62 -2.63 -1.06
N ALA B 120 13.70 -3.88 -0.63
CA ALA B 120 14.41 -4.91 -1.38
C ALA B 120 13.65 -6.23 -1.29
N ILE B 121 13.69 -7.00 -2.36
CA ILE B 121 13.14 -8.35 -2.35
C ILE B 121 13.95 -9.21 -3.32
N GLY B 122 14.28 -10.42 -2.89
CA GLY B 122 15.00 -11.35 -3.72
C GLY B 122 16.06 -12.07 -2.93
N GLY B 123 16.99 -12.70 -3.66
CA GLY B 123 17.95 -13.58 -3.03
C GLY B 123 18.86 -12.88 -2.04
N GLU B 124 19.29 -11.66 -2.36
CA GLU B 124 20.22 -10.93 -1.52
C GLU B 124 19.60 -9.69 -0.90
N ALA B 125 18.27 -9.68 -0.75
CA ALA B 125 17.60 -8.53 -0.14
C ALA B 125 18.10 -8.30 1.28
N GLU B 126 18.46 -9.36 2.00
CA GLU B 126 18.95 -9.21 3.36
C GLU B 126 20.36 -8.60 3.38
N TRP B 127 21.16 -8.86 2.35
CA TRP B 127 22.48 -8.27 2.29
C TRP B 127 22.41 -6.78 1.95
N PHE B 128 21.57 -6.42 0.97
CA PHE B 128 21.44 -5.02 0.58
C PHE B 128 20.88 -4.17 1.72
N THR B 129 19.92 -4.72 2.46
CA THR B 129 19.25 -3.95 3.52
C THR B 129 20.03 -3.90 4.82
N ALA B 130 20.96 -4.83 5.03
CA ALA B 130 21.63 -4.91 6.31
C ALA B 130 22.61 -3.75 6.49
N ASP B 131 22.79 -3.40 7.76
CA ASP B 131 23.73 -2.38 8.22
C ASP B 131 23.79 -1.13 7.34
N HIS B 132 22.62 -0.56 7.08
CA HIS B 132 22.59 0.74 6.43
C HIS B 132 23.02 1.81 7.43
N ALA B 133 24.06 2.57 7.10
CA ALA B 133 24.58 3.58 8.01
C ALA B 133 23.54 4.68 8.23
N LEU B 134 23.28 4.97 9.51
CA LEU B 134 22.35 6.04 9.86
C LEU B 134 22.87 7.39 9.41
N ASP B 135 24.15 7.65 9.61
CA ASP B 135 24.80 8.88 9.18
C ASP B 135 25.47 8.64 7.83
N TYR B 136 25.28 9.57 6.90
CA TYR B 136 25.76 9.43 5.53
C TYR B 136 25.22 8.13 4.92
N GLY B 137 23.90 8.04 4.85
CA GLY B 137 23.24 6.85 4.34
C GLY B 137 23.31 6.71 2.84
N TYR B 138 24.11 7.54 2.19
CA TYR B 138 24.34 7.46 0.75
C TYR B 138 25.78 7.10 0.43
N GLY B 139 26.55 6.67 1.44
CA GLY B 139 27.95 6.35 1.24
C GLY B 139 28.15 4.88 0.99
N PRO B 140 29.37 4.39 1.25
CA PRO B 140 29.67 2.98 0.96
C PRO B 140 28.91 2.00 1.85
N ARG B 141 28.42 2.43 3.01
CA ARG B 141 27.70 1.56 3.93
C ARG B 141 26.20 1.71 3.74
N SER B 142 25.76 1.48 2.51
CA SER B 142 24.37 1.69 2.12
C SER B 142 24.04 0.72 1.00
N PRO B 143 22.74 0.47 0.76
CA PRO B 143 22.38 -0.34 -0.42
C PRO B 143 22.92 0.22 -1.72
N LEU B 144 23.05 1.55 -1.82
CA LEU B 144 23.63 2.16 -3.01
C LEU B 144 25.07 1.71 -3.20
N GLY B 145 25.86 1.70 -2.12
CA GLY B 145 27.23 1.25 -2.24
C GLY B 145 27.35 -0.21 -2.61
N LYS B 146 26.47 -1.06 -2.05
CA LYS B 146 26.53 -2.49 -2.34
C LYS B 146 26.04 -2.80 -3.75
N LEU B 147 25.16 -1.96 -4.30
CA LEU B 147 24.79 -2.11 -5.70
C LEU B 147 26.00 -1.96 -6.61
N VAL B 148 26.90 -1.04 -6.27
CA VAL B 148 28.15 -0.91 -7.01
C VAL B 148 29.04 -2.13 -6.78
N GLU B 149 29.13 -2.58 -5.53
CA GLU B 149 29.99 -3.72 -5.21
C GLU B 149 29.52 -4.99 -5.89
N ALA B 150 28.21 -5.15 -6.08
CA ALA B 150 27.65 -6.32 -6.73
C ALA B 150 27.46 -6.12 -8.24
N LYS B 151 27.96 -5.01 -8.78
CA LYS B 151 27.78 -4.63 -10.18
C LYS B 151 26.33 -4.82 -10.61
N GLY B 152 25.45 -4.12 -9.91
CA GLY B 152 24.04 -4.12 -10.22
C GLY B 152 23.70 -3.14 -11.32
N LYS B 153 22.40 -2.92 -11.49
CA LYS B 153 21.88 -2.07 -12.56
C LYS B 153 20.80 -1.16 -12.00
N VAL B 154 20.50 -0.11 -12.77
CA VAL B 154 19.44 0.83 -12.42
C VAL B 154 18.49 0.93 -13.61
N LEU B 155 17.22 0.64 -13.37
CA LEU B 155 16.19 0.72 -14.40
C LEU B 155 15.33 1.95 -14.14
N MET B 156 15.28 2.84 -15.12
CA MET B 156 14.41 4.01 -15.08
C MET B 156 13.15 3.66 -15.85
N LEU B 157 12.16 3.14 -15.14
CA LEU B 157 10.95 2.61 -15.76
C LEU B 157 9.97 3.76 -16.00
N GLY B 158 10.18 4.44 -17.13
CA GLY B 158 9.37 5.60 -17.46
C GLY B 158 9.61 6.81 -16.59
N ALA B 159 10.45 6.70 -15.57
CA ALA B 159 10.69 7.77 -14.62
C ALA B 159 11.58 8.85 -15.23
N PRO B 160 11.37 10.11 -14.86
CA PRO B 160 12.29 11.17 -15.29
C PRO B 160 13.72 10.85 -14.86
N LEU B 161 14.67 11.41 -15.61
CA LEU B 161 16.07 11.02 -15.45
C LEU B 161 16.67 11.53 -14.14
N ASP B 162 16.23 12.70 -13.68
CA ASP B 162 16.80 13.27 -12.46
C ASP B 162 16.51 12.45 -11.21
N THR B 163 15.82 11.32 -11.34
CA THR B 163 15.42 10.53 -10.18
C THR B 163 16.40 9.42 -9.85
N MET B 164 17.48 9.27 -10.62
CA MET B 164 18.47 8.25 -10.32
C MET B 164 19.19 8.58 -9.01
N THR B 165 18.64 8.11 -7.89
CA THR B 165 19.25 8.40 -6.59
C THR B 165 20.64 7.81 -6.48
N LEU B 166 20.95 6.78 -7.28
CA LEU B 166 22.31 6.21 -7.29
C LEU B 166 23.38 7.28 -7.43
N LEU B 167 23.05 8.40 -8.07
CA LEU B 167 24.06 9.42 -8.33
C LEU B 167 24.30 10.32 -7.12
N ALA B 168 23.31 10.48 -6.24
CA ALA B 168 23.56 11.13 -4.96
C ALA B 168 24.69 10.44 -4.21
N HIS B 169 24.95 9.18 -4.54
CA HIS B 169 26.07 8.43 -3.99
C HIS B 169 27.38 8.77 -4.69
N ALA B 170 27.33 9.17 -5.96
CA ALA B 170 28.52 9.71 -6.59
C ALA B 170 28.95 11.00 -5.92
N GLU B 171 27.98 11.84 -5.52
CA GLU B 171 28.31 13.08 -4.82
C GLU B 171 28.99 12.79 -3.49
N HIS B 172 28.55 11.74 -2.80
CA HIS B 172 29.22 11.35 -1.56
C HIS B 172 30.67 10.97 -1.83
N LEU B 173 30.90 10.15 -2.86
CA LEU B 173 32.25 9.71 -3.16
C LEU B 173 33.09 10.84 -3.74
N ALA B 174 32.52 11.64 -4.64
CA ALA B 174 33.31 12.59 -5.42
C ALA B 174 33.83 13.71 -4.54
N ASP B 175 35.15 13.89 -4.56
CA ASP B 175 35.81 15.01 -3.90
C ASP B 175 35.63 16.28 -4.73
N PHE B 176 34.99 17.30 -4.16
CA PHE B 176 34.79 18.55 -4.88
C PHE B 176 34.43 19.66 -3.89
N PRO B 177 34.64 20.92 -4.26
CA PRO B 177 34.44 22.03 -3.33
C PRO B 177 33.02 22.16 -2.80
N ASN B 178 32.92 22.38 -1.48
CA ASN B 178 31.73 22.92 -0.81
C ASN B 178 30.55 21.94 -0.81
N LYS B 179 30.80 20.72 -0.35
CA LYS B 179 29.69 19.79 -0.18
C LYS B 179 28.92 20.19 1.06
N ARG B 180 27.79 20.87 0.83
CA ARG B 180 26.90 21.33 1.90
C ARG B 180 26.47 20.16 2.78
N ILE B 181 26.92 20.15 4.04
CA ILE B 181 26.57 19.08 4.97
C ILE B 181 25.27 19.42 5.70
N LEU B 182 24.40 18.43 5.84
CA LEU B 182 23.09 18.60 6.45
C LEU B 182 23.05 17.93 7.81
N ARG B 183 22.37 18.57 8.77
CA ARG B 183 22.32 18.09 10.14
C ARG B 183 20.93 18.29 10.69
N TYR B 184 20.28 17.21 11.12
CA TYR B 184 18.92 17.30 11.62
C TYR B 184 18.72 16.25 12.70
N GLU B 185 17.56 16.31 13.34
CA GLU B 185 17.19 15.42 14.43
C GLU B 185 15.89 14.70 14.07
N ALA B 186 15.90 13.36 14.13
CA ALA B 186 14.73 12.60 13.71
C ALA B 186 14.45 11.50 14.72
N PRO B 187 13.17 11.12 14.88
CA PRO B 187 12.83 10.04 15.82
C PRO B 187 12.94 8.68 15.17
N ILE B 188 13.64 7.76 15.81
CA ILE B 188 13.91 6.44 15.26
C ILE B 188 13.57 5.39 16.31
N LEU B 189 12.98 4.27 15.86
CA LEU B 189 12.53 3.22 16.76
C LEU B 189 13.72 2.31 17.11
N VAL B 190 14.03 2.23 18.40
CA VAL B 190 15.20 1.50 18.87
C VAL B 190 14.71 0.30 19.68
N ASP B 191 14.63 -0.84 19.00
CA ASP B 191 14.01 -2.07 19.52
C ASP B 191 12.64 -1.78 20.13
N GLY B 192 11.83 -1.03 19.39
CA GLY B 192 10.45 -0.76 19.75
C GLY B 192 10.21 0.48 20.58
N GLU B 193 11.21 1.34 20.76
CA GLU B 193 11.02 2.54 21.57
C GLU B 193 11.57 3.76 20.86
N LYS B 194 10.74 4.80 20.81
CA LYS B 194 11.03 6.01 20.06
C LYS B 194 12.16 6.80 20.71
N VAL B 195 13.20 7.10 19.93
CA VAL B 195 14.35 7.88 20.38
C VAL B 195 14.64 8.95 19.33
N TRP B 196 14.80 10.19 19.78
CA TRP B 196 15.23 11.25 18.88
C TRP B 196 16.75 11.23 18.77
N ARG B 197 17.24 11.48 17.56
CA ARG B 197 18.66 11.33 17.28
C ARG B 197 19.10 12.31 16.21
N TRP B 198 20.33 12.82 16.36
CA TRP B 198 20.89 13.77 15.42
C TRP B 198 21.55 13.04 14.25
N PHE B 199 21.23 13.47 13.04
CA PHE B 199 21.77 12.87 11.83
C PHE B 199 22.70 13.85 11.13
N GLU B 200 23.44 13.32 10.16
CA GLU B 200 24.47 14.07 9.47
C GLU B 200 24.71 13.43 8.11
N GLU B 201 24.68 14.25 7.05
CA GLU B 201 24.83 13.72 5.71
C GLU B 201 25.24 14.83 4.77
N PHE B 202 25.63 14.43 3.56
CA PHE B 202 25.74 15.37 2.46
C PHE B 202 24.35 15.66 1.93
N ASP B 203 24.13 16.91 1.51
CA ASP B 203 22.82 17.32 1.02
C ASP B 203 22.38 16.45 -0.16
N THR B 204 21.13 15.98 -0.09
CA THR B 204 20.53 15.25 -1.19
C THR B 204 19.29 15.94 -1.76
N SER B 205 18.66 16.85 -1.02
CA SER B 205 17.47 17.54 -1.49
C SER B 205 17.79 18.78 -2.32
N ASP B 206 18.98 19.35 -2.17
CA ASP B 206 19.36 20.49 -2.99
C ASP B 206 20.70 20.21 -3.66
N PRO B 207 20.86 20.63 -4.91
CA PRO B 207 22.11 20.38 -5.63
C PRO B 207 23.22 21.27 -5.14
N PRO B 208 24.48 20.92 -5.40
CA PRO B 208 25.58 21.85 -5.14
C PRO B 208 25.35 23.12 -5.93
N ASP B 209 25.56 24.26 -5.26
CA ASP B 209 24.84 25.48 -5.61
C ASP B 209 25.01 25.87 -7.07
N GLY B 210 26.17 25.62 -7.67
CA GLY B 210 26.34 25.92 -9.08
C GLY B 210 25.35 25.19 -9.96
N LEU B 211 25.08 23.92 -9.67
CA LEU B 211 24.41 23.08 -10.65
C LEU B 211 22.90 23.15 -10.47
N ALA B 212 22.21 22.82 -11.54
CA ALA B 212 20.76 22.87 -11.57
C ALA B 212 20.15 21.73 -10.77
N ASP B 213 18.96 21.98 -10.22
CA ASP B 213 18.24 20.92 -9.50
C ASP B 213 18.06 19.69 -10.39
N ASP B 214 17.75 19.91 -11.67
CA ASP B 214 17.55 18.83 -12.63
C ASP B 214 18.83 18.37 -13.30
N TYR B 215 19.98 18.46 -12.62
CA TYR B 215 21.23 18.21 -13.32
C TYR B 215 21.57 16.73 -13.42
N PHE B 216 20.79 15.85 -12.81
CA PHE B 216 21.05 14.42 -13.00
C PHE B 216 20.64 13.98 -14.39
N ALA B 217 19.63 14.63 -14.98
CA ALA B 217 19.18 14.25 -16.32
C ALA B 217 20.29 14.40 -17.34
N GLY B 218 20.99 15.54 -17.33
CA GLY B 218 22.07 15.75 -18.28
C GLY B 218 23.17 14.72 -18.16
N ILE B 219 23.45 14.28 -16.93
CA ILE B 219 24.52 13.31 -16.72
C ILE B 219 24.18 11.99 -17.40
N VAL B 220 22.97 11.49 -17.18
CA VAL B 220 22.58 10.21 -17.76
C VAL B 220 22.53 10.31 -19.28
N GLU B 221 21.92 11.38 -19.80
CA GLU B 221 22.00 11.66 -21.24
C GLU B 221 23.44 11.59 -21.72
N GLU B 222 24.34 12.32 -21.03
CA GLU B 222 25.76 12.26 -21.35
C GLU B 222 26.30 10.85 -21.23
N PHE B 223 25.88 10.11 -20.19
CA PHE B 223 26.36 8.75 -20.02
C PHE B 223 25.85 7.84 -21.12
N LEU B 224 24.60 8.05 -21.53
CA LEU B 224 24.01 7.27 -22.60
C LEU B 224 24.81 7.40 -23.88
N ALA B 225 25.25 8.62 -24.19
CA ALA B 225 25.92 8.94 -25.45
C ALA B 225 27.28 8.26 -25.61
N THR B 226 27.80 7.65 -24.57
CA THR B 226 29.00 6.86 -24.72
C THR B 226 28.68 5.43 -25.11
N GLY B 227 27.43 5.14 -25.47
CA GLY B 227 27.07 3.84 -25.98
C GLY B 227 26.95 2.74 -24.95
N ARG B 228 27.10 3.07 -23.67
CA ARG B 228 26.84 2.15 -22.58
C ARG B 228 25.41 2.37 -22.08
N GLY B 229 24.92 1.41 -21.31
CA GLY B 229 23.51 1.41 -20.96
C GLY B 229 22.66 1.16 -22.19
N LYS B 230 21.35 0.98 -22.00
CA LYS B 230 20.50 0.64 -23.13
C LYS B 230 19.12 1.20 -22.91
N ARG B 231 18.51 1.72 -23.98
CA ARG B 231 17.17 2.26 -23.94
C ARG B 231 16.19 1.31 -24.63
N GLY B 232 14.96 1.31 -24.16
CA GLY B 232 13.96 0.39 -24.70
C GLY B 232 12.63 0.57 -23.99
N LYS B 233 11.64 -0.13 -24.52
CA LYS B 233 10.25 0.05 -24.13
C LYS B 233 9.83 -1.07 -23.17
N ILE B 234 9.43 -0.70 -21.95
CA ILE B 234 8.84 -1.63 -21.00
C ILE B 234 7.34 -1.32 -20.97
N GLY B 235 6.53 -2.26 -21.44
CA GLY B 235 5.15 -1.96 -21.70
C GLY B 235 5.05 -0.87 -22.76
N GLU B 236 4.61 0.32 -22.36
CA GLU B 236 4.63 1.48 -23.23
C GLU B 236 5.41 2.64 -22.62
N ALA B 237 6.24 2.36 -21.63
CA ALA B 237 7.05 3.38 -20.97
C ALA B 237 8.46 3.37 -21.53
N SER B 238 8.93 4.52 -21.99
CA SER B 238 10.32 4.66 -22.40
C SER B 238 11.22 4.45 -21.19
N SER B 239 12.20 3.55 -21.32
CA SER B 239 12.97 3.12 -20.17
C SER B 239 14.45 3.07 -20.50
N VAL B 240 15.26 3.16 -19.44
CA VAL B 240 16.71 3.19 -19.52
C VAL B 240 17.26 2.24 -18.48
N LEU B 241 18.26 1.44 -18.87
CA LEU B 241 18.90 0.50 -17.94
C LEU B 241 20.41 0.66 -18.04
N VAL B 242 21.04 1.10 -16.97
CA VAL B 242 22.47 1.38 -16.96
C VAL B 242 23.17 0.51 -15.92
N PRO B 243 24.46 0.22 -16.10
CA PRO B 243 25.21 -0.47 -15.04
C PRO B 243 25.53 0.49 -13.90
N ALA B 244 25.43 -0.03 -12.66
CA ALA B 244 25.60 0.81 -11.49
C ALA B 244 27.04 1.30 -11.35
N ASP B 245 28.00 0.39 -11.46
CA ASP B 245 29.39 0.77 -11.23
C ASP B 245 29.88 1.76 -12.29
N GLU B 246 29.42 1.60 -13.53
CA GLU B 246 29.94 2.44 -14.61
C GLU B 246 29.40 3.85 -14.53
N ILE B 247 28.12 4.02 -14.18
CA ILE B 247 27.59 5.37 -14.09
C ILE B 247 28.07 6.06 -12.83
N VAL B 248 28.34 5.30 -11.76
CA VAL B 248 28.91 5.90 -10.55
C VAL B 248 30.30 6.42 -10.84
N ALA B 249 31.17 5.54 -11.35
CA ALA B 249 32.53 5.96 -11.70
C ALA B 249 32.51 7.07 -12.74
N PHE B 250 31.52 7.07 -13.62
CA PHE B 250 31.41 8.13 -14.62
C PHE B 250 30.88 9.43 -14.01
N ALA B 251 30.03 9.35 -12.99
CA ALA B 251 29.53 10.56 -12.37
C ALA B 251 30.55 11.18 -11.41
N VAL B 252 31.49 10.40 -10.89
CA VAL B 252 32.49 10.93 -9.98
C VAL B 252 33.52 11.76 -10.75
N ASP B 253 34.14 11.17 -11.78
CA ASP B 253 35.01 11.92 -12.68
C ASP B 253 34.35 13.21 -13.11
N TRP B 254 33.05 13.13 -13.40
CA TRP B 254 32.28 14.28 -13.88
C TRP B 254 32.19 15.36 -12.81
N LEU B 255 31.93 14.97 -11.57
CA LEU B 255 31.80 15.95 -10.49
C LEU B 255 33.18 16.51 -10.11
N GLU B 256 34.19 15.65 -10.00
CA GLU B 256 35.52 16.12 -9.64
C GLU B 256 36.08 17.04 -10.70
N ARG B 257 35.79 16.75 -11.98
CA ARG B 257 36.17 17.64 -13.08
C ARG B 257 35.59 19.03 -12.87
N TRP B 258 34.31 19.10 -12.50
CA TRP B 258 33.59 20.36 -12.39
C TRP B 258 33.97 21.14 -11.14
N GLY B 259 34.55 20.50 -10.13
CA GLY B 259 35.05 21.21 -8.98
C GLY B 259 36.43 21.78 -9.17
N ARG B 260 37.21 21.18 -10.08
CA ARG B 260 38.51 21.76 -10.44
C ARG B 260 38.33 23.19 -10.94
N THR B 261 37.23 23.47 -11.62
CA THR B 261 36.91 24.78 -12.18
C THR B 261 36.61 25.81 -11.07
#